data_4F67
#
_entry.id   4F67
#
_cell.length_a   40.394
_cell.length_b   77.005
_cell.length_c   81.295
_cell.angle_alpha   90.000
_cell.angle_beta   90.000
_cell.angle_gamma   90.000
#
_symmetry.space_group_name_H-M   'P 21 21 21'
#
loop_
_entity.id
_entity.type
_entity.pdbx_description
1 polymer 'UPF0176 protein lpg2838'
2 water water
#
_entity_poly.entity_id   1
_entity_poly.type   'polypeptide(L)'
_entity_poly.pdbx_seq_one_letter_code
;(MSE)GHHHHHHSH(MSE)VKDIIIASFYKFIPLNDFRSLREPILTK(MSE)HEIGIKGTIILAHEGVNGGFAGNREQ
(MSE)NVFYDYLRSDSRFADLHFKETYDNKNPFDKAKVKLRKEIVT(MSE)GVQKVDPSYNAGTYLSPEEWHQFIQDPNV
ILLDTRNDYEYELGTFKNAINPDIENFREFPDYVQRNLIDKKDKKIA(MSE)FCTGGIRCEKTTAY(MSE)KELGFEHVY
QLHDGILNYLESIPESESLWEGKCFVFDDRVAVDQKLDRVYPQLPQDYKYEREQK
;
_entity_poly.pdbx_strand_id   A
#
# COMPACT_ATOMS: atom_id res chain seq x y z
N GLY A 2 0.07 22.61 -22.91
CA GLY A 2 1.39 22.82 -22.34
C GLY A 2 1.34 22.90 -20.83
N HIS A 3 0.11 22.76 -20.32
CA HIS A 3 -0.28 22.68 -18.88
C HIS A 3 -0.81 23.98 -18.26
N HIS A 4 -0.67 25.09 -18.96
CA HIS A 4 -1.10 26.39 -18.44
C HIS A 4 -2.48 26.81 -18.94
N HIS A 5 -3.24 25.88 -19.51
CA HIS A 5 -4.60 26.19 -19.95
C HIS A 5 -5.60 25.28 -19.29
N HIS A 6 -6.68 25.87 -18.81
CA HIS A 6 -7.77 25.09 -18.27
C HIS A 6 -8.34 24.18 -19.35
N HIS A 7 -8.34 22.88 -19.07
CA HIS A 7 -9.01 21.91 -19.92
C HIS A 7 -9.45 20.76 -19.03
N HIS A 8 -10.75 20.69 -18.74
CA HIS A 8 -11.24 19.68 -17.82
C HIS A 8 -11.01 18.30 -18.39
N SER A 9 -10.69 17.37 -17.50
CA SER A 9 -10.55 15.96 -17.85
C SER A 9 -11.83 15.41 -18.49
N HIS A 10 -11.70 14.28 -19.17
CA HIS A 10 -12.87 13.57 -19.66
C HIS A 10 -13.57 12.91 -18.47
N MSE A 11 -12.88 12.79 -17.34
CA MSE A 11 -13.43 12.15 -16.14
C MSE A 11 -14.06 13.13 -15.16
O MSE A 11 -13.52 14.21 -14.92
CB MSE A 11 -12.32 11.40 -15.39
CG MSE A 11 -11.60 10.33 -16.18
SE MSE A 11 -10.26 9.46 -15.06
CE MSE A 11 -11.41 8.80 -13.60
N VAL A 12 -15.18 12.75 -14.54
CA VAL A 12 -15.73 13.57 -13.45
C VAL A 12 -14.79 13.49 -12.23
N LYS A 13 -14.19 12.33 -12.03
CA LYS A 13 -13.21 12.15 -10.95
C LYS A 13 -11.82 12.40 -11.50
N ASP A 14 -11.45 13.69 -11.57
CA ASP A 14 -10.27 14.13 -12.30
C ASP A 14 -9.02 14.28 -11.44
N ILE A 15 -9.15 14.01 -10.14
CA ILE A 15 -7.96 13.96 -9.28
C ILE A 15 -7.42 12.54 -9.22
N ILE A 16 -6.15 12.38 -9.55
CA ILE A 16 -5.52 11.08 -9.58
C ILE A 16 -4.82 10.89 -8.25
N ILE A 17 -4.97 9.71 -7.66
CA ILE A 17 -4.34 9.39 -6.38
C ILE A 17 -3.41 8.22 -6.61
N ALA A 18 -2.11 8.46 -6.46
CA ALA A 18 -1.11 7.45 -6.73
C ALA A 18 -0.69 6.78 -5.43
N SER A 19 -0.39 5.49 -5.52
CA SER A 19 0.17 4.72 -4.41
C SER A 19 1.36 3.98 -4.99
N PHE A 20 2.49 3.96 -4.28
CA PHE A 20 3.66 3.29 -4.85
C PHE A 20 4.66 2.92 -3.74
N TYR A 21 5.50 1.94 -4.05
CA TYR A 21 6.67 1.67 -3.22
C TYR A 21 7.75 0.93 -4.01
N LYS A 22 8.98 1.00 -3.52
CA LYS A 22 10.07 0.27 -4.14
C LYS A 22 11.16 0.07 -3.12
N PHE A 23 11.63 -1.16 -3.00
CA PHE A 23 12.74 -1.48 -2.13
C PHE A 23 14.00 -1.46 -2.99
N ILE A 24 14.87 -0.50 -2.71
CA ILE A 24 16.12 -0.35 -3.44
C ILE A 24 17.01 0.44 -2.51
N PRO A 25 18.28 0.04 -2.40
CA PRO A 25 19.16 0.80 -1.49
C PRO A 25 19.37 2.24 -1.94
N LEU A 26 19.12 3.18 -1.03
CA LEU A 26 19.26 4.60 -1.33
C LEU A 26 20.29 5.23 -0.40
N ASN A 27 21.56 5.16 -0.76
CA ASN A 27 22.62 5.62 0.14
C ASN A 27 22.47 7.09 0.51
N ASP A 28 21.94 7.87 -0.44
CA ASP A 28 21.79 9.31 -0.25
C ASP A 28 20.34 9.69 0.02
N PHE A 29 19.58 8.78 0.62
CA PHE A 29 18.13 9.01 0.78
C PHE A 29 17.80 10.32 1.49
N ARG A 30 18.65 10.75 2.42
CA ARG A 30 18.37 11.98 3.16
CA ARG A 30 18.36 11.97 3.16
C ARG A 30 18.45 13.18 2.23
N SER A 31 19.30 13.09 1.21
CA SER A 31 19.52 14.22 0.32
C SER A 31 18.42 14.32 -0.75
N LEU A 32 17.56 13.30 -0.81
CA LEU A 32 16.48 13.33 -1.80
C LEU A 32 15.27 14.10 -1.30
N ARG A 33 15.20 14.30 0.02
CA ARG A 33 13.99 14.88 0.61
C ARG A 33 13.70 16.29 0.11
N GLU A 34 14.68 17.18 0.24
CA GLU A 34 14.46 18.55 -0.21
C GLU A 34 14.09 18.70 -1.70
N PRO A 35 14.86 18.07 -2.62
CA PRO A 35 14.48 18.19 -4.03
C PRO A 35 13.06 17.66 -4.32
N ILE A 36 12.68 16.54 -3.72
CA ILE A 36 11.32 16.02 -3.97
C ILE A 36 10.24 16.94 -3.40
N LEU A 37 10.44 17.38 -2.16
CA LEU A 37 9.52 18.29 -1.51
C LEU A 37 9.36 19.58 -2.30
N THR A 38 10.46 20.12 -2.78
CA THR A 38 10.42 21.37 -3.57
C THR A 38 9.57 21.19 -4.82
N LYS A 39 9.76 20.07 -5.51
CA LYS A 39 8.97 19.80 -6.70
C LYS A 39 7.49 19.64 -6.37
N MSE A 40 7.18 19.01 -5.24
CA MSE A 40 5.78 18.92 -4.82
C MSE A 40 5.18 20.30 -4.65
O MSE A 40 4.06 20.55 -5.07
CB MSE A 40 5.63 18.10 -3.53
CG MSE A 40 5.97 16.63 -3.75
SE MSE A 40 6.00 15.67 -2.06
CE MSE A 40 4.10 15.29 -1.92
N HIS A 41 5.93 21.20 -4.01
CA HIS A 41 5.48 22.58 -3.80
C HIS A 41 5.30 23.31 -5.12
N GLU A 42 6.29 23.17 -6.00
CA GLU A 42 6.21 23.86 -7.29
C GLU A 42 5.00 23.42 -8.09
N ILE A 43 4.76 22.12 -8.13
CA ILE A 43 3.74 21.55 -9.01
C ILE A 43 2.35 21.59 -8.36
N GLY A 44 2.31 21.54 -7.04
CA GLY A 44 1.05 21.55 -6.31
C GLY A 44 0.56 20.15 -5.98
N ILE A 45 1.51 19.22 -5.86
CA ILE A 45 1.23 17.85 -5.44
C ILE A 45 1.02 17.87 -3.93
N LYS A 46 -0.01 17.17 -3.46
CA LYS A 46 -0.23 16.97 -2.04
C LYS A 46 -0.11 15.48 -1.74
N GLY A 47 0.33 15.11 -0.55
CA GLY A 47 0.56 13.71 -0.31
C GLY A 47 1.74 13.53 0.61
N THR A 48 2.09 12.28 0.88
CA THR A 48 3.21 11.96 1.77
C THR A 48 4.10 10.92 1.10
N ILE A 49 5.40 11.23 1.03
CA ILE A 49 6.37 10.27 0.51
C ILE A 49 7.33 9.97 1.65
N ILE A 50 7.61 8.68 1.87
CA ILE A 50 8.49 8.25 2.93
C ILE A 50 9.77 7.76 2.29
N LEU A 51 10.90 8.24 2.78
CA LEU A 51 12.20 7.83 2.25
C LEU A 51 12.97 7.16 3.34
N ALA A 52 13.65 6.08 2.99
CA ALA A 52 14.50 5.35 3.95
C ALA A 52 15.70 4.80 3.19
N HIS A 53 16.68 4.29 3.91
CA HIS A 53 17.81 3.67 3.24
C HIS A 53 17.36 2.51 2.37
N GLU A 54 16.30 1.82 2.79
CA GLU A 54 15.82 0.63 2.07
C GLU A 54 14.92 0.93 0.88
N GLY A 55 14.52 2.18 0.71
CA GLY A 55 13.73 2.53 -0.47
C GLY A 55 12.77 3.68 -0.30
N VAL A 56 11.63 3.60 -0.98
CA VAL A 56 10.67 4.71 -1.00
C VAL A 56 9.24 4.18 -1.02
N ASN A 57 8.33 4.94 -0.42
CA ASN A 57 6.91 4.59 -0.39
C ASN A 57 6.11 5.88 -0.30
N GLY A 58 4.94 5.94 -0.92
CA GLY A 58 4.21 7.15 -0.80
C GLY A 58 2.83 7.07 -1.38
N GLY A 59 2.07 8.12 -1.14
CA GLY A 59 0.77 8.29 -1.74
C GLY A 59 0.65 9.78 -2.00
N PHE A 60 0.17 10.15 -3.17
CA PHE A 60 0.04 11.58 -3.48
C PHE A 60 -0.99 11.78 -4.59
N ALA A 61 -1.39 13.02 -4.80
CA ALA A 61 -2.50 13.30 -5.70
C ALA A 61 -2.37 14.62 -6.44
N GLY A 62 -3.05 14.71 -7.57
CA GLY A 62 -3.04 15.89 -8.42
C GLY A 62 -3.81 15.54 -9.69
N ASN A 63 -4.01 16.51 -10.57
CA ASN A 63 -4.66 16.19 -11.84
C ASN A 63 -3.63 15.57 -12.79
N ARG A 64 -4.06 15.17 -13.99
CA ARG A 64 -3.15 14.43 -14.88
C ARG A 64 -1.90 15.22 -15.27
N GLU A 65 -2.07 16.51 -15.58
CA GLU A 65 -0.95 17.37 -15.94
C GLU A 65 0.08 17.42 -14.83
N GLN A 66 -0.40 17.54 -13.59
CA GLN A 66 0.49 17.59 -12.42
C GLN A 66 1.21 16.27 -12.26
N MSE A 67 0.47 15.19 -12.38
CA MSE A 67 1.05 13.87 -12.25
C MSE A 67 2.07 13.60 -13.35
O MSE A 67 3.11 13.02 -13.08
CB MSE A 67 -0.01 12.79 -12.19
CG MSE A 67 -1.05 13.00 -11.09
SE MSE A 67 -0.23 13.04 -9.30
CE MSE A 67 -0.89 11.27 -8.70
N ASN A 68 1.77 14.04 -14.58
CA ASN A 68 2.74 13.90 -15.66
C ASN A 68 4.09 14.51 -15.28
N VAL A 69 4.06 15.73 -14.78
CA VAL A 69 5.29 16.42 -14.43
C VAL A 69 5.99 15.75 -13.24
N PHE A 70 5.21 15.40 -12.22
CA PHE A 70 5.81 14.86 -11.01
C PHE A 70 6.28 13.40 -11.17
N TYR A 71 5.50 12.57 -11.89
CA TYR A 71 5.98 11.22 -12.18
C TYR A 71 7.33 11.30 -12.89
N ASP A 72 7.39 12.13 -13.93
CA ASP A 72 8.63 12.28 -14.71
C ASP A 72 9.78 12.72 -13.81
N TYR A 73 9.50 13.63 -12.90
CA TYR A 73 10.55 14.11 -12.00
C TYR A 73 11.09 12.98 -11.11
N LEU A 74 10.18 12.27 -10.45
CA LEU A 74 10.61 11.17 -9.58
C LEU A 74 11.40 10.15 -10.39
N ARG A 75 10.93 9.87 -11.59
CA ARG A 75 11.55 8.81 -12.40
C ARG A 75 12.85 9.26 -13.07
N SER A 76 13.21 10.54 -12.89
CA SER A 76 14.46 11.06 -13.45
C SER A 76 15.68 10.54 -12.69
N ASP A 77 15.49 10.09 -11.45
CA ASP A 77 16.52 9.37 -10.72
C ASP A 77 16.53 7.94 -11.26
N SER A 78 17.66 7.48 -11.77
CA SER A 78 17.71 6.16 -12.41
C SER A 78 17.25 5.03 -11.49
N ARG A 79 17.40 5.21 -10.18
CA ARG A 79 16.93 4.23 -9.20
C ARG A 79 15.41 4.18 -9.10
N PHE A 80 14.76 5.19 -9.67
CA PHE A 80 13.30 5.30 -9.59
C PHE A 80 12.67 5.25 -10.98
N ALA A 81 13.49 4.93 -11.99
CA ALA A 81 13.02 4.96 -13.38
C ALA A 81 11.78 4.10 -13.59
N ASP A 82 11.68 3.02 -12.82
CA ASP A 82 10.58 2.08 -13.00
C ASP A 82 9.56 2.10 -11.85
N LEU A 83 9.49 3.20 -11.12
CA LEU A 83 8.46 3.31 -10.10
C LEU A 83 7.09 3.11 -10.75
N HIS A 84 6.26 2.30 -10.12
CA HIS A 84 4.93 2.01 -10.64
C HIS A 84 3.90 2.77 -9.80
N PHE A 85 3.25 3.77 -10.39
CA PHE A 85 2.26 4.54 -9.66
C PHE A 85 0.88 3.94 -9.91
N LYS A 86 0.37 3.25 -8.91
CA LYS A 86 -0.95 2.65 -9.00
C LYS A 86 -2.00 3.70 -8.68
N GLU A 87 -2.94 3.90 -9.60
CA GLU A 87 -3.86 5.02 -9.50
C GLU A 87 -5.27 4.62 -9.09
N THR A 88 -5.86 5.44 -8.22
CA THR A 88 -7.30 5.48 -8.04
C THR A 88 -7.73 6.93 -8.24
N TYR A 89 -9.03 7.22 -8.24
CA TYR A 89 -9.48 8.53 -8.70
C TYR A 89 -10.56 9.11 -7.81
N ASP A 90 -10.59 10.44 -7.70
CA ASP A 90 -11.65 11.10 -6.96
C ASP A 90 -11.86 12.48 -7.55
N ASN A 91 -12.85 13.21 -7.05
CA ASN A 91 -13.06 14.58 -7.53
C ASN A 91 -12.48 15.60 -6.55
N LYS A 92 -11.86 15.09 -5.48
CA LYS A 92 -11.25 15.91 -4.46
C LYS A 92 -9.86 15.35 -4.13
N ASN A 93 -8.91 16.22 -3.83
CA ASN A 93 -7.61 15.76 -3.39
C ASN A 93 -7.72 15.31 -1.92
N PRO A 94 -7.42 14.04 -1.64
CA PRO A 94 -7.61 13.54 -0.27
C PRO A 94 -6.44 13.85 0.68
N PHE A 95 -5.49 14.66 0.24
CA PHE A 95 -4.34 15.01 1.07
C PHE A 95 -4.38 16.49 1.38
N ASP A 96 -3.93 16.88 2.58
CA ASP A 96 -3.99 18.28 3.00
C ASP A 96 -2.77 19.10 2.57
N LYS A 97 -1.62 18.46 2.44
CA LYS A 97 -0.38 19.17 2.08
C LYS A 97 0.68 18.20 1.61
N ALA A 98 1.80 18.76 1.17
CA ALA A 98 2.94 17.94 0.74
C ALA A 98 3.87 17.64 1.91
N LYS A 99 4.19 16.36 2.10
CA LYS A 99 5.14 15.97 3.14
C LYS A 99 6.12 14.94 2.60
N VAL A 100 7.38 15.06 3.00
CA VAL A 100 8.38 14.00 2.75
C VAL A 100 9.01 13.67 4.08
N LYS A 101 8.96 12.40 4.46
CA LYS A 101 9.44 11.97 5.76
C LYS A 101 10.67 11.09 5.61
N LEU A 102 11.60 11.21 6.55
CA LEU A 102 12.75 10.32 6.56
C LEU A 102 12.55 9.34 7.70
N ARG A 103 12.71 8.06 7.40
CA ARG A 103 12.42 7.01 8.37
C ARG A 103 13.46 5.92 8.35
N LYS A 104 13.47 5.11 9.40
CA LYS A 104 14.36 3.95 9.47
C LYS A 104 13.92 2.84 8.51
N GLU A 105 12.62 2.80 8.22
CA GLU A 105 12.04 1.79 7.34
C GLU A 105 10.96 2.47 6.50
N ILE A 106 10.67 1.99 5.30
CA ILE A 106 9.57 2.62 4.52
C ILE A 106 8.19 2.18 5.03
N VAL A 107 8.16 1.07 5.76
CA VAL A 107 7.00 0.67 6.53
C VAL A 107 7.56 -0.06 7.77
N THR A 108 7.11 0.34 8.94
CA THR A 108 7.83 0.01 10.17
C THR A 108 7.35 -1.29 10.78
N MSE A 109 8.14 -2.35 10.62
CA MSE A 109 7.80 -3.61 11.28
C MSE A 109 8.70 -3.84 12.50
O MSE A 109 8.42 -4.69 13.34
CB MSE A 109 7.90 -4.78 10.32
CG MSE A 109 7.03 -5.95 10.76
SE MSE A 109 7.13 -7.48 9.58
CE MSE A 109 9.01 -7.93 9.83
N GLY A 110 9.78 -3.07 12.59
CA GLY A 110 10.61 -3.05 13.78
C GLY A 110 11.59 -4.20 13.89
N VAL A 111 11.82 -4.91 12.80
CA VAL A 111 12.77 -6.01 12.77
C VAL A 111 13.96 -5.66 11.89
N GLN A 112 15.16 -5.74 12.47
CA GLN A 112 16.40 -5.26 11.87
C GLN A 112 16.68 -5.71 10.43
N LYS A 113 16.99 -6.98 10.23
CA LYS A 113 17.50 -7.41 8.92
C LYS A 113 16.48 -8.17 8.06
N VAL A 114 15.35 -7.53 7.81
CA VAL A 114 14.36 -8.13 6.91
C VAL A 114 14.67 -7.74 5.48
N ASP A 115 15.02 -8.73 4.67
CA ASP A 115 15.35 -8.51 3.27
C ASP A 115 14.21 -8.97 2.38
N PRO A 116 13.48 -8.02 1.79
CA PRO A 116 12.32 -8.35 0.96
C PRO A 116 12.71 -8.86 -0.43
N SER A 117 14.00 -8.89 -0.73
CA SER A 117 14.48 -9.74 -1.81
C SER A 117 14.32 -11.16 -1.27
N TYR A 118 14.38 -12.16 -2.13
CA TYR A 118 14.09 -13.55 -1.76
C TYR A 118 12.59 -13.75 -1.44
N ASN A 119 11.75 -12.86 -1.94
CA ASN A 119 10.31 -13.07 -1.88
C ASN A 119 9.82 -13.78 -3.14
N ALA A 120 10.74 -14.09 -4.05
CA ALA A 120 10.41 -14.72 -5.32
C ALA A 120 9.62 -16.01 -5.12
N GLY A 121 8.51 -16.14 -5.86
CA GLY A 121 7.69 -17.34 -5.80
C GLY A 121 6.53 -17.23 -4.83
N THR A 122 6.45 -16.11 -4.10
CA THR A 122 5.42 -15.98 -3.06
C THR A 122 4.26 -15.08 -3.48
N TYR A 123 4.38 -14.42 -4.63
CA TYR A 123 3.37 -13.47 -5.08
C TYR A 123 2.24 -14.15 -5.85
N LEU A 124 1.01 -13.84 -5.47
CA LEU A 124 -0.17 -14.31 -6.19
C LEU A 124 -0.84 -13.13 -6.88
N SER A 125 -1.15 -13.29 -8.16
CA SER A 125 -1.90 -12.29 -8.90
C SER A 125 -3.31 -12.30 -8.33
N PRO A 126 -4.09 -11.24 -8.59
CA PRO A 126 -5.49 -11.28 -8.11
C PRO A 126 -6.25 -12.54 -8.55
N GLU A 127 -5.99 -13.03 -9.75
CA GLU A 127 -6.67 -14.21 -10.26
C GLU A 127 -6.23 -15.49 -9.52
N GLU A 128 -4.94 -15.60 -9.25
CA GLU A 128 -4.41 -16.75 -8.52
C GLU A 128 -4.92 -16.74 -7.09
N TRP A 129 -4.87 -15.56 -6.49
CA TRP A 129 -5.33 -15.32 -5.14
C TRP A 129 -6.80 -15.69 -5.00
N HIS A 130 -7.62 -15.26 -5.96
CA HIS A 130 -9.06 -15.53 -5.93
C HIS A 130 -9.34 -17.02 -5.77
N GLN A 131 -8.56 -17.84 -6.46
CA GLN A 131 -8.76 -19.28 -6.37
C GLN A 131 -8.17 -19.82 -5.07
N PHE A 132 -6.99 -19.33 -4.72
CA PHE A 132 -6.23 -19.81 -3.57
C PHE A 132 -6.99 -19.70 -2.24
N ILE A 133 -7.59 -18.53 -2.00
CA ILE A 133 -8.19 -18.24 -0.70
C ILE A 133 -9.62 -18.79 -0.50
N GLN A 134 -10.15 -19.48 -1.49
CA GLN A 134 -11.42 -20.18 -1.31
C GLN A 134 -11.24 -21.51 -0.58
N ASP A 135 -10.00 -21.96 -0.46
CA ASP A 135 -9.68 -23.18 0.27
C ASP A 135 -9.83 -22.94 1.77
N PRO A 136 -10.82 -23.60 2.41
CA PRO A 136 -11.03 -23.41 3.85
C PRO A 136 -9.83 -23.84 4.70
N ASN A 137 -8.91 -24.63 4.13
CA ASN A 137 -7.72 -25.04 4.85
C ASN A 137 -6.56 -24.03 4.80
N VAL A 138 -6.69 -23.04 3.92
CA VAL A 138 -5.70 -21.95 3.86
C VAL A 138 -5.88 -21.02 5.04
N ILE A 139 -4.76 -20.61 5.65
CA ILE A 139 -4.81 -19.62 6.71
C ILE A 139 -4.73 -18.26 6.05
N LEU A 140 -5.89 -17.63 5.92
CA LEU A 140 -5.99 -16.35 5.25
C LEU A 140 -5.80 -15.28 6.30
N LEU A 141 -4.71 -14.54 6.17
CA LEU A 141 -4.29 -13.64 7.23
C LEU A 141 -4.20 -12.19 6.77
N ASP A 142 -5.02 -11.34 7.37
CA ASP A 142 -4.94 -9.90 7.10
C ASP A 142 -3.67 -9.43 7.82
N THR A 143 -2.84 -8.61 7.17
CA THR A 143 -1.66 -8.06 7.85
C THR A 143 -1.90 -6.61 8.31
N ARG A 144 -3.13 -6.12 8.11
CA ARG A 144 -3.45 -4.74 8.42
C ARG A 144 -3.84 -4.54 9.87
N ASN A 145 -4.02 -3.28 10.26
CA ASN A 145 -4.31 -2.94 11.64
C ASN A 145 -5.80 -3.09 11.91
N ASP A 146 -6.19 -3.05 13.17
CA ASP A 146 -7.56 -3.40 13.55
C ASP A 146 -8.61 -2.50 12.91
N TYR A 147 -8.31 -1.20 12.84
CA TYR A 147 -9.22 -0.24 12.19
C TYR A 147 -9.47 -0.54 10.71
N GLU A 148 -8.49 -1.15 10.06
CA GLU A 148 -8.62 -1.52 8.65
C GLU A 148 -9.49 -2.76 8.50
N TYR A 149 -9.17 -3.80 9.27
CA TYR A 149 -9.92 -5.04 9.24
C TYR A 149 -11.40 -4.83 9.51
N GLU A 150 -11.74 -3.94 10.45
CA GLU A 150 -13.13 -3.76 10.83
C GLU A 150 -13.98 -3.14 9.71
N LEU A 151 -13.36 -2.33 8.86
CA LEU A 151 -14.09 -1.72 7.75
C LEU A 151 -14.39 -2.71 6.63
N GLY A 152 -13.52 -3.71 6.48
CA GLY A 152 -13.68 -4.68 5.42
C GLY A 152 -12.48 -5.57 5.33
N THR A 153 -12.68 -6.75 4.75
CA THR A 153 -11.61 -7.71 4.60
C THR A 153 -12.02 -8.77 3.59
N PHE A 154 -11.12 -9.69 3.30
CA PHE A 154 -11.49 -10.83 2.47
C PHE A 154 -12.35 -11.80 3.25
N LYS A 155 -13.31 -12.39 2.57
CA LYS A 155 -14.14 -13.44 3.17
C LYS A 155 -13.25 -14.47 3.86
N ASN A 156 -13.54 -14.75 5.13
CA ASN A 156 -12.84 -15.75 5.96
C ASN A 156 -11.50 -15.32 6.51
N ALA A 157 -11.09 -14.09 6.23
CA ALA A 157 -9.79 -13.63 6.69
C ALA A 157 -9.71 -13.50 8.21
N ILE A 158 -8.55 -13.84 8.75
CA ILE A 158 -8.24 -13.69 10.16
C ILE A 158 -7.74 -12.27 10.45
N ASN A 159 -8.21 -11.71 11.55
CA ASN A 159 -7.73 -10.44 12.06
C ASN A 159 -6.63 -10.67 13.10
N PRO A 160 -5.42 -10.15 12.87
CA PRO A 160 -4.36 -10.36 13.87
C PRO A 160 -4.61 -9.46 15.07
N ASP A 161 -5.51 -8.50 14.89
CA ASP A 161 -5.91 -7.57 15.94
C ASP A 161 -4.68 -6.82 16.47
N ILE A 162 -4.03 -6.10 15.57
CA ILE A 162 -2.88 -5.29 15.95
C ILE A 162 -3.17 -3.81 15.75
N GLU A 163 -2.54 -2.96 16.56
CA GLU A 163 -2.75 -1.53 16.44
C GLU A 163 -1.76 -0.89 15.48
N ASN A 164 -0.60 -1.52 15.34
CA ASN A 164 0.46 -1.01 14.49
C ASN A 164 1.17 -2.21 13.89
N PHE A 165 1.74 -2.02 12.71
CA PHE A 165 2.43 -3.07 11.99
C PHE A 165 3.59 -3.68 12.79
N ARG A 166 4.21 -2.90 13.67
CA ARG A 166 5.36 -3.42 14.42
C ARG A 166 4.93 -4.49 15.43
N GLU A 167 3.62 -4.66 15.60
CA GLU A 167 3.10 -5.69 16.49
C GLU A 167 2.93 -7.03 15.78
N PHE A 168 3.12 -7.03 14.46
CA PHE A 168 2.96 -8.23 13.67
C PHE A 168 3.93 -9.38 14.01
N PRO A 169 5.24 -9.11 14.15
CA PRO A 169 6.14 -10.23 14.51
C PRO A 169 5.72 -10.92 15.81
N ASP A 170 5.29 -10.16 16.81
CA ASP A 170 4.83 -10.78 18.05
C ASP A 170 3.62 -11.69 17.80
N TYR A 171 2.76 -11.27 16.87
CA TYR A 171 1.59 -12.06 16.52
C TYR A 171 1.99 -13.40 15.91
N VAL A 172 2.97 -13.38 15.01
CA VAL A 172 3.50 -14.60 14.40
C VAL A 172 4.09 -15.48 15.48
N GLN A 173 4.89 -14.87 16.34
CA GLN A 173 5.59 -15.63 17.38
C GLN A 173 4.65 -16.37 18.32
N ARG A 174 3.53 -15.75 18.66
CA ARG A 174 2.64 -16.38 19.62
C ARG A 174 1.51 -17.21 18.99
N ASN A 175 1.28 -17.06 17.69
CA ASN A 175 0.15 -17.74 17.04
C ASN A 175 0.46 -18.70 15.89
N LEU A 176 1.56 -18.47 15.17
CA LEU A 176 1.77 -19.21 13.93
C LEU A 176 3.02 -20.09 13.90
N ILE A 177 3.80 -20.09 14.98
CA ILE A 177 5.10 -20.79 14.96
C ILE A 177 4.96 -22.30 14.78
N ASP A 178 3.86 -22.87 15.27
CA ASP A 178 3.61 -24.28 15.07
C ASP A 178 2.93 -24.59 13.74
N LYS A 179 2.84 -23.57 12.87
CA LYS A 179 2.12 -23.72 11.62
C LYS A 179 2.98 -23.43 10.41
N LYS A 180 4.27 -23.74 10.51
CA LYS A 180 5.22 -23.42 9.44
C LYS A 180 5.02 -24.24 8.17
N ASP A 181 4.34 -25.37 8.28
CA ASP A 181 4.10 -26.22 7.12
C ASP A 181 2.70 -25.99 6.53
N LYS A 182 2.02 -24.95 7.00
CA LYS A 182 0.65 -24.68 6.55
C LYS A 182 0.63 -23.62 5.46
N LYS A 183 -0.39 -23.68 4.62
CA LYS A 183 -0.59 -22.63 3.61
C LYS A 183 -1.05 -21.34 4.30
N ILE A 184 -0.28 -20.27 4.11
CA ILE A 184 -0.63 -18.99 4.71
C ILE A 184 -0.67 -17.90 3.64
N ALA A 185 -1.80 -17.22 3.54
CA ALA A 185 -2.00 -16.23 2.49
C ALA A 185 -2.18 -14.85 3.10
N MSE A 186 -1.31 -13.91 2.75
CA MSE A 186 -1.35 -12.59 3.37
C MSE A 186 -1.66 -11.46 2.41
O MSE A 186 -1.29 -11.52 1.23
CB MSE A 186 -0.06 -12.32 4.14
CG MSE A 186 0.04 -13.18 5.41
SE MSE A 186 1.85 -13.17 6.15
CE MSE A 186 2.78 -14.17 4.75
N PHE A 187 -2.33 -10.43 2.91
CA PHE A 187 -2.70 -9.31 2.05
C PHE A 187 -2.67 -8.02 2.85
N CYS A 188 -2.47 -6.91 2.15
CA CYS A 188 -2.74 -5.61 2.72
C CYS A 188 -3.22 -4.70 1.59
N THR A 189 -3.35 -3.41 1.88
CA THR A 189 -3.94 -2.45 0.96
C THR A 189 -3.28 -2.42 -0.42
N GLY A 190 -1.98 -2.18 -0.47
CA GLY A 190 -1.27 -2.07 -1.74
C GLY A 190 -0.05 -2.95 -1.88
N GLY A 191 0.21 -3.79 -0.88
CA GLY A 191 1.24 -4.81 -0.96
C GLY A 191 2.45 -4.60 -0.07
N ILE A 192 2.68 -3.38 0.40
CA ILE A 192 3.98 -3.11 1.05
C ILE A 192 4.25 -3.90 2.33
N ARG A 193 3.25 -4.01 3.20
CA ARG A 193 3.44 -4.77 4.44
C ARG A 193 3.76 -6.24 4.22
N CYS A 194 3.06 -6.86 3.27
CA CYS A 194 3.29 -8.28 2.98
C CYS A 194 4.69 -8.56 2.45
N GLU A 195 5.32 -7.55 1.86
CA GLU A 195 6.70 -7.71 1.44
C GLU A 195 7.57 -8.07 2.63
N LYS A 196 7.33 -7.38 3.75
CA LYS A 196 8.09 -7.60 4.97
C LYS A 196 7.62 -8.81 5.76
N THR A 197 6.31 -9.00 5.86
CA THR A 197 5.81 -10.15 6.61
C THR A 197 6.25 -11.45 5.96
N THR A 198 6.16 -11.51 4.63
CA THR A 198 6.48 -12.76 3.93
C THR A 198 7.97 -13.06 4.03
N ALA A 199 8.81 -12.04 3.81
CA ALA A 199 10.26 -12.21 3.93
C ALA A 199 10.64 -12.66 5.35
N TYR A 200 10.08 -11.97 6.34
CA TYR A 200 10.31 -12.28 7.75
C TYR A 200 9.98 -13.73 8.06
N MSE A 201 8.81 -14.18 7.60
CA MSE A 201 8.36 -15.54 7.88
C MSE A 201 9.11 -16.60 7.10
O MSE A 201 9.41 -17.67 7.62
CB MSE A 201 6.85 -15.64 7.67
CG MSE A 201 6.10 -14.83 8.70
SE MSE A 201 4.23 -14.56 8.26
CE MSE A 201 3.54 -16.32 8.71
N LYS A 202 9.45 -16.29 5.84
CA LYS A 202 10.22 -17.22 5.03
C LYS A 202 11.55 -17.53 5.73
N GLU A 203 12.18 -16.50 6.27
CA GLU A 203 13.43 -16.63 7.01
C GLU A 203 13.25 -17.48 8.26
N LEU A 204 12.09 -17.34 8.90
CA LEU A 204 11.78 -18.09 10.12
C LEU A 204 11.57 -19.57 9.84
N GLY A 205 11.35 -19.91 8.57
CA GLY A 205 11.16 -21.30 8.19
C GLY A 205 9.76 -21.65 7.75
N PHE A 206 8.92 -20.63 7.52
CA PHE A 206 7.61 -20.87 6.94
C PHE A 206 7.77 -21.25 5.48
N GLU A 207 7.21 -22.40 5.10
CA GLU A 207 7.45 -22.97 3.78
C GLU A 207 6.37 -22.65 2.73
N HIS A 208 5.21 -22.18 3.18
CA HIS A 208 4.11 -21.97 2.26
C HIS A 208 3.39 -20.66 2.49
N VAL A 209 4.15 -19.57 2.48
CA VAL A 209 3.60 -18.24 2.65
C VAL A 209 3.43 -17.57 1.29
N TYR A 210 2.28 -16.94 1.11
CA TYR A 210 1.96 -16.26 -0.13
C TYR A 210 1.41 -14.88 0.17
N GLN A 211 1.59 -13.96 -0.77
CA GLN A 211 1.13 -12.60 -0.59
C GLN A 211 0.40 -12.10 -1.83
N LEU A 212 -0.62 -11.28 -1.61
CA LEU A 212 -1.41 -10.74 -2.72
C LEU A 212 -0.63 -9.61 -3.42
N HIS A 213 -0.21 -9.86 -4.66
CA HIS A 213 0.60 -8.89 -5.39
C HIS A 213 -0.15 -7.57 -5.62
N ASP A 214 0.47 -6.47 -5.18
CA ASP A 214 -0.14 -5.14 -5.17
C ASP A 214 -1.44 -5.04 -4.39
N GLY A 215 -1.67 -6.01 -3.50
CA GLY A 215 -2.69 -5.87 -2.47
C GLY A 215 -4.15 -5.81 -2.88
N ILE A 216 -4.98 -5.45 -1.90
CA ILE A 216 -6.43 -5.40 -2.08
C ILE A 216 -6.83 -4.52 -3.24
N LEU A 217 -6.17 -3.38 -3.40
CA LEU A 217 -6.62 -2.46 -4.44
C LEU A 217 -6.43 -3.07 -5.82
N ASN A 218 -5.36 -3.84 -5.99
CA ASN A 218 -5.15 -4.56 -7.23
C ASN A 218 -6.25 -5.59 -7.47
N TYR A 219 -6.61 -6.33 -6.43
CA TYR A 219 -7.72 -7.30 -6.53
C TYR A 219 -9.05 -6.63 -6.91
N LEU A 220 -9.36 -5.52 -6.27
CA LEU A 220 -10.65 -4.86 -6.50
C LEU A 220 -10.76 -4.37 -7.93
N GLU A 221 -9.63 -3.98 -8.49
CA GLU A 221 -9.59 -3.48 -9.86
C GLU A 221 -9.71 -4.63 -10.85
N SER A 222 -9.15 -5.78 -10.48
CA SER A 222 -9.05 -6.92 -11.40
C SER A 222 -10.24 -7.88 -11.39
N ILE A 223 -10.91 -8.02 -10.25
CA ILE A 223 -11.99 -9.01 -10.11
C ILE A 223 -13.37 -8.36 -10.16
N PRO A 224 -14.26 -8.86 -11.02
CA PRO A 224 -15.59 -8.26 -11.08
C PRO A 224 -16.31 -8.36 -9.74
N GLU A 225 -17.11 -7.34 -9.41
CA GLU A 225 -17.74 -7.24 -8.09
C GLU A 225 -18.65 -8.43 -7.80
N SER A 226 -19.29 -8.96 -8.83
CA SER A 226 -20.21 -10.09 -8.66
C SER A 226 -19.51 -11.36 -8.18
N GLU A 227 -18.22 -11.47 -8.47
CA GLU A 227 -17.44 -12.66 -8.13
C GLU A 227 -16.52 -12.44 -6.93
N SER A 228 -16.28 -11.17 -6.62
CA SER A 228 -15.34 -10.74 -5.59
C SER A 228 -15.52 -11.39 -4.22
N LEU A 229 -14.41 -11.80 -3.62
CA LEU A 229 -14.39 -12.33 -2.27
C LEU A 229 -14.12 -11.23 -1.23
N TRP A 230 -14.01 -9.99 -1.70
CA TRP A 230 -13.86 -8.86 -0.79
C TRP A 230 -15.20 -8.49 -0.13
N GLU A 231 -15.17 -8.25 1.18
CA GLU A 231 -16.35 -7.80 1.92
C GLU A 231 -16.12 -6.42 2.53
N GLY A 232 -17.14 -5.57 2.50
CA GLY A 232 -17.06 -4.26 3.11
C GLY A 232 -16.19 -3.28 2.34
N LYS A 233 -15.57 -2.35 3.06
CA LYS A 233 -14.85 -1.26 2.43
C LYS A 233 -13.35 -1.39 2.68
N CYS A 234 -12.54 -0.85 1.78
CA CYS A 234 -11.09 -0.91 1.95
C CYS A 234 -10.54 0.39 2.53
N PHE A 235 -10.02 0.35 3.74
CA PHE A 235 -9.44 1.55 4.38
C PHE A 235 -8.27 2.09 3.57
N VAL A 236 -8.19 3.41 3.45
CA VAL A 236 -7.04 4.04 2.81
C VAL A 236 -6.50 5.15 3.69
N PHE A 237 -5.19 5.39 3.60
CA PHE A 237 -4.54 6.32 4.50
C PHE A 237 -4.60 7.77 3.97
N ASP A 238 -5.82 8.26 3.74
CA ASP A 238 -6.05 9.65 3.34
C ASP A 238 -7.49 10.06 3.65
N ASP A 239 -7.88 11.26 3.21
CA ASP A 239 -9.20 11.85 3.51
C ASP A 239 -10.37 10.98 3.08
N ARG A 240 -10.16 10.09 2.11
CA ARG A 240 -11.28 9.28 1.63
C ARG A 240 -11.75 8.36 2.73
N VAL A 241 -10.81 7.99 3.60
CA VAL A 241 -10.98 7.03 4.71
C VAL A 241 -11.11 5.60 4.21
N ALA A 242 -12.01 5.39 3.26
CA ALA A 242 -12.17 4.07 2.67
C ALA A 242 -12.73 4.15 1.25
N VAL A 243 -12.45 3.13 0.46
CA VAL A 243 -13.04 3.02 -0.87
C VAL A 243 -13.89 1.75 -0.98
N ASP A 244 -14.85 1.77 -1.89
CA ASP A 244 -15.73 0.63 -2.08
C ASP A 244 -15.18 -0.31 -3.15
N GLN A 245 -15.97 -1.30 -3.57
CA GLN A 245 -15.48 -2.30 -4.52
C GLN A 245 -15.20 -1.67 -5.89
N LYS A 246 -15.80 -0.53 -6.15
CA LYS A 246 -15.54 0.20 -7.39
C LYS A 246 -14.33 1.15 -7.24
N LEU A 247 -13.69 1.09 -6.08
CA LEU A 247 -12.52 1.92 -5.76
C LEU A 247 -12.88 3.41 -5.68
N ASP A 248 -14.16 3.68 -5.40
CA ASP A 248 -14.62 5.05 -5.18
C ASP A 248 -14.58 5.37 -3.68
N ARG A 249 -14.32 6.62 -3.34
CA ARG A 249 -14.51 7.11 -1.98
C ARG A 249 -15.90 6.70 -1.46
N VAL A 250 -15.94 6.09 -0.29
CA VAL A 250 -17.21 5.72 0.32
C VAL A 250 -18.08 6.96 0.53
N TYR A 251 -19.34 6.85 0.13
CA TYR A 251 -20.31 7.91 0.33
C TYR A 251 -21.55 7.32 1.00
N PRO A 252 -22.12 8.03 2.00
CA PRO A 252 -21.64 9.30 2.57
C PRO A 252 -20.28 9.16 3.26
N GLN A 253 -19.59 10.29 3.39
CA GLN A 253 -18.24 10.34 3.91
C GLN A 253 -18.12 9.68 5.27
N LEU A 254 -17.14 8.80 5.43
CA LEU A 254 -16.88 8.17 6.72
C LEU A 254 -16.20 9.15 7.65
N PRO A 255 -16.46 9.03 8.97
CA PRO A 255 -15.81 9.90 9.96
C PRO A 255 -14.31 9.93 9.78
N GLN A 256 -13.73 11.12 9.86
CA GLN A 256 -12.32 11.29 9.56
C GLN A 256 -11.43 11.38 10.79
N ASP A 257 -11.78 10.61 11.82
CA ASP A 257 -10.89 10.40 12.95
C ASP A 257 -10.04 9.19 12.63
N TYR A 258 -9.72 9.05 11.35
CA TYR A 258 -9.25 7.83 10.71
C TYR A 258 -8.43 6.82 11.56
N LYS A 259 -7.22 7.14 12.04
CA LYS A 259 -6.42 8.32 11.70
C LYS A 259 -5.66 7.93 10.44
N TYR A 260 -5.08 8.89 9.71
CA TYR A 260 -4.58 8.50 8.41
C TYR A 260 -3.09 8.16 8.18
N GLU A 261 -2.21 9.13 7.94
CA GLU A 261 -1.00 8.83 7.16
C GLU A 261 -0.12 7.59 7.48
N ARG A 262 0.56 7.14 6.44
CA ARG A 262 1.29 5.87 6.41
C ARG A 262 2.36 5.74 7.49
N GLU A 263 2.72 6.85 8.12
CA GLU A 263 3.72 6.80 9.16
C GLU A 263 3.18 6.20 10.45
N GLN A 264 1.86 6.26 10.61
CA GLN A 264 1.22 5.66 11.77
C GLN A 264 0.98 4.16 11.57
N LYS A 265 1.08 3.72 10.30
CA LYS A 265 0.77 2.35 9.91
C LYS A 265 1.48 1.28 10.74
#